data_3WD1
#
_entry.id   3WD1
#
_cell.length_a   97.768
_cell.length_b   97.768
_cell.length_c   197.757
_cell.angle_alpha   90.00
_cell.angle_beta   90.00
_cell.angle_gamma   90.00
#
_symmetry.space_group_name_H-M   'P 43 21 2'
#
loop_
_entity.id
_entity.type
_entity.pdbx_description
1 polymer 'Chitinase B'
2 non-polymer GLYCEROL
3 non-polymer 'SULFATE ION'
4 non-polymer 'PHOSPHITE ION'
5 non-polymer N,N-dibenzyl-N~5~-[N-(methylcarbamoyl)carbamimidoyl]-N~2~-{[5-({[(E)-(quinolin-4-ylmethylidene)amino]oxy}methyl)-1H-1,2,3-triazol-1-yl]acetyl}-L-ornithinamide
6 water water
#
_entity_poly.entity_id   1
_entity_poly.type   'polypeptide(L)'
_entity_poly.pdbx_seq_one_letter_code
;DPSSRSTRKAVIGYYFIPTNQINNYTETDTSVVPFPVSNITPAKAKQLTHINFSFLDINSNLECAWDPATNDAKARDVVN
RLTALKAHNPSLRIMFSIGGWYYSNDLGVSHANYVNAVKTPAARTKFAQSCVRIMKDYGFDGVDIDWEYPQAAEVDGFIA
ALQEIRTLLNQQTIADGRQALPYQLTIAGAGGAFFLSRYYSKLAQIVAPLDYINLMTYDLAGPWEKITNHQAALFGDAAG
PTFYNALREANLGWSWEELTRAFPSPFSLTVDAAVQQHLMMEGVPSAKIVMGVPFYGRAFKGVSGGNGGQYSSHSTPGED
PYPNADYWLVGCDECVRDKDPRIASYRQLEQMLQGNYGYQRLWNDKTKTPYLYHAQNGLFVTYDDAESFKYKAKYIKQQQ
LGGVMFWHLGQDNRNGDLLAALDRYFNAADYDDSQLDMGTGLRYTGVGPGNLPIMTAPAYVPGTTYAQGALVSYQGYVWQ
TKWGYITSAPGSDSAWLKVGRLA
;
_entity_poly.pdbx_strand_id   A
#
# COMPACT_ATOMS: atom_id res chain seq x y z
N SER A 6 -14.14 -18.10 -1.37
CA SER A 6 -13.42 -19.34 -0.97
C SER A 6 -11.90 -19.14 -0.77
N THR A 7 -11.21 -18.29 -1.56
CA THR A 7 -9.76 -18.07 -1.33
C THR A 7 -9.54 -17.14 -0.11
N ARG A 8 -8.72 -17.61 0.81
CA ARG A 8 -8.38 -16.87 1.99
C ARG A 8 -7.75 -15.49 1.61
N LYS A 9 -8.24 -14.40 2.16
CA LYS A 9 -7.58 -13.07 1.96
C LYS A 9 -6.19 -13.10 2.57
N ALA A 10 -5.20 -12.64 1.84
CA ALA A 10 -3.87 -12.53 2.45
C ALA A 10 -3.93 -11.42 3.55
N VAL A 11 -3.07 -11.56 4.55
CA VAL A 11 -2.95 -10.64 5.74
C VAL A 11 -1.44 -10.58 5.98
N ILE A 12 -0.84 -9.50 5.47
CA ILE A 12 0.59 -9.37 5.37
C ILE A 12 1.08 -8.29 6.33
N GLY A 13 1.95 -8.67 7.27
CA GLY A 13 2.32 -7.79 8.38
C GLY A 13 3.81 -7.60 8.39
N TYR A 14 4.25 -6.34 8.36
CA TYR A 14 5.66 -6.06 8.44
C TYR A 14 6.17 -6.25 9.88
N TYR A 15 7.38 -6.81 9.97
CA TYR A 15 8.14 -6.94 11.18
C TYR A 15 9.41 -6.19 10.86
N PHE A 16 9.59 -5.04 11.55
CA PHE A 16 10.76 -4.20 11.36
C PHE A 16 11.63 -4.31 12.61
N ILE A 17 12.94 -4.46 12.42
CA ILE A 17 13.86 -4.43 13.56
C ILE A 17 15.16 -3.88 13.10
N PRO A 18 15.68 -2.83 13.79
CA PRO A 18 16.84 -2.15 13.25
C PRO A 18 18.17 -2.86 13.64
N THR A 19 19.26 -2.52 12.94
CA THR A 19 20.55 -3.22 13.12
C THR A 19 20.95 -3.27 14.57
N ASN A 20 21.02 -2.11 15.26
CA ASN A 20 21.37 -2.08 16.71
C ASN A 20 20.53 -3.08 17.54
N GLN A 21 19.26 -3.26 17.21
CA GLN A 21 18.44 -4.13 18.04
C GLN A 21 18.69 -5.60 17.73
N ILE A 22 18.96 -5.91 16.46
CA ILE A 22 19.39 -7.27 16.10
C ILE A 22 20.71 -7.58 16.85
N ASN A 23 21.63 -6.64 16.79
CA ASN A 23 22.97 -6.88 17.35
C ASN A 23 22.92 -6.99 18.88
N ASN A 24 21.83 -6.50 19.51
CA ASN A 24 21.68 -6.58 20.98
C ASN A 24 20.40 -7.32 21.33
N TYR A 25 20.08 -8.28 20.47
CA TYR A 25 18.76 -8.87 20.46
C TYR A 25 18.55 -9.44 21.79
N THR A 26 17.33 -9.29 22.33
CA THR A 26 16.92 -9.96 23.54
C THR A 26 15.37 -9.93 23.63
N GLU A 27 14.78 -10.94 24.26
CA GLU A 27 13.33 -10.99 24.45
C GLU A 27 12.86 -10.59 25.82
N THR A 28 13.74 -10.05 26.65
CA THR A 28 13.37 -9.79 28.07
C THR A 28 13.75 -8.39 28.53
N ASP A 29 13.90 -7.45 27.61
CA ASP A 29 14.20 -6.06 27.97
C ASP A 29 13.71 -5.12 26.88
N THR A 30 12.47 -4.68 27.05
CA THR A 30 11.81 -3.86 26.07
C THR A 30 12.43 -2.47 25.85
N SER A 31 13.33 -2.01 26.72
CA SER A 31 14.06 -0.77 26.39
C SER A 31 15.25 -1.04 25.43
N VAL A 32 15.51 -2.31 25.11
CA VAL A 32 16.54 -2.62 24.10
C VAL A 32 15.90 -3.13 22.82
N VAL A 33 15.00 -4.07 22.98
CA VAL A 33 14.14 -4.48 21.94
C VAL A 33 12.67 -4.37 22.39
N PRO A 34 12.00 -3.30 22.00
CA PRO A 34 10.56 -3.19 22.32
C PRO A 34 9.68 -4.29 21.84
N PHE A 35 9.89 -4.80 20.61
CA PHE A 35 8.94 -5.77 20.05
C PHE A 35 9.61 -7.03 19.47
N PRO A 36 9.98 -7.93 20.39
CA PRO A 36 10.72 -9.14 20.08
C PRO A 36 9.85 -10.17 19.46
N VAL A 37 10.47 -11.10 18.79
CA VAL A 37 9.66 -12.10 18.02
C VAL A 37 8.64 -12.84 18.89
N SER A 38 8.99 -13.09 20.17
CA SER A 38 8.09 -13.78 21.11
C SER A 38 6.78 -13.07 21.33
N ASN A 39 6.72 -11.78 21.00
CA ASN A 39 5.45 -11.09 21.06
C ASN A 39 4.46 -11.54 19.98
N ILE A 40 4.95 -12.19 18.93
CA ILE A 40 4.07 -12.73 17.92
C ILE A 40 3.64 -14.07 18.45
N THR A 41 2.50 -14.07 19.15
CA THR A 41 2.03 -15.28 19.78
C THR A 41 1.51 -16.24 18.73
N PRO A 42 1.29 -17.49 19.13
CA PRO A 42 0.79 -18.46 18.17
C PRO A 42 -0.58 -18.06 17.63
N ALA A 43 -1.38 -17.32 18.43
CA ALA A 43 -2.69 -16.91 17.89
C ALA A 43 -2.54 -15.77 16.84
N LYS A 44 -1.48 -14.97 16.97
CA LYS A 44 -1.17 -13.98 15.94
C LYS A 44 -0.65 -14.61 14.70
N ALA A 45 0.21 -15.58 14.86
CA ALA A 45 0.76 -16.31 13.74
C ALA A 45 -0.32 -16.96 12.88
N LYS A 46 -1.42 -17.34 13.51
CA LYS A 46 -2.54 -17.94 12.81
C LYS A 46 -3.36 -16.94 12.03
N GLN A 47 -3.31 -15.68 12.46
CA GLN A 47 -4.07 -14.63 11.83
C GLN A 47 -3.37 -13.97 10.65
N LEU A 48 -2.05 -14.15 10.57
CA LEU A 48 -1.22 -13.67 9.47
C LEU A 48 -1.11 -14.73 8.34
N THR A 49 -1.09 -14.29 7.07
CA THR A 49 -0.62 -15.20 5.97
C THR A 49 0.88 -14.98 5.63
N HIS A 50 1.36 -13.76 5.92
CA HIS A 50 2.72 -13.37 5.59
C HIS A 50 3.25 -12.41 6.63
N ILE A 51 4.50 -12.58 6.98
CA ILE A 51 5.23 -11.62 7.76
C ILE A 51 6.40 -11.14 6.87
N ASN A 52 6.57 -9.82 6.77
CA ASN A 52 7.58 -9.20 5.88
C ASN A 52 8.75 -8.78 6.79
N PHE A 53 9.76 -9.62 6.94
CA PHE A 53 10.93 -9.14 7.68
C PHE A 53 11.56 -7.95 6.94
N SER A 54 11.86 -6.90 7.67
CA SER A 54 12.35 -5.66 7.09
C SER A 54 13.43 -5.05 7.95
N PHE A 55 14.51 -4.48 7.38
CA PHE A 55 14.79 -4.27 5.94
C PHE A 55 16.20 -4.77 5.59
N LEU A 56 16.32 -5.48 4.45
CA LEU A 56 17.59 -5.63 3.78
C LEU A 56 17.82 -4.51 2.78
N ASP A 57 19.03 -4.48 2.25
CA ASP A 57 19.38 -3.39 1.34
C ASP A 57 20.01 -3.93 0.07
N ILE A 58 20.36 -3.02 -0.84
CA ILE A 58 21.28 -3.28 -1.93
C ILE A 58 22.56 -2.51 -1.71
N ASN A 59 23.65 -3.23 -1.52
CA ASN A 59 25.02 -2.62 -1.32
C ASN A 59 25.73 -2.15 -2.53
N SER A 60 26.97 -1.63 -2.40
CA SER A 60 27.66 -1.03 -3.62
C SER A 60 28.19 -2.08 -4.52
N ASN A 61 28.20 -3.31 -4.08
CA ASN A 61 28.35 -4.42 -4.99
C ASN A 61 27.17 -4.78 -5.85
N LEU A 62 26.06 -4.09 -5.63
CA LEU A 62 24.82 -4.22 -6.40
C LEU A 62 24.24 -5.61 -6.21
N GLU A 63 24.25 -6.00 -4.95
CA GLU A 63 23.69 -7.24 -4.48
C GLU A 63 22.80 -6.95 -3.31
N CYS A 64 21.78 -7.78 -3.15
CA CYS A 64 20.98 -7.78 -1.93
C CYS A 64 21.90 -8.21 -0.79
N ALA A 65 21.99 -7.39 0.26
CA ALA A 65 22.78 -7.64 1.47
C ALA A 65 22.09 -7.09 2.72
N TRP A 66 22.46 -7.66 3.85
CA TRP A 66 22.18 -7.09 5.16
C TRP A 66 22.99 -5.84 5.30
N ASP A 67 22.54 -4.88 6.10
CA ASP A 67 23.45 -3.77 6.46
C ASP A 67 24.76 -4.37 6.94
N PRO A 68 25.92 -3.86 6.47
CA PRO A 68 27.18 -4.57 6.92
C PRO A 68 27.52 -4.46 8.40
N ALA A 69 26.94 -3.53 9.14
CA ALA A 69 27.19 -3.49 10.57
C ALA A 69 26.43 -4.64 11.27
N THR A 70 25.77 -5.50 10.53
CA THR A 70 24.80 -6.40 11.17
C THR A 70 25.56 -7.57 11.73
N ASN A 71 25.23 -8.06 12.93
CA ASN A 71 25.91 -9.28 13.44
C ASN A 71 25.28 -10.52 12.77
N ASP A 72 26.03 -11.20 11.93
CA ASP A 72 25.38 -12.30 11.15
C ASP A 72 24.76 -13.41 11.99
N ALA A 73 25.37 -13.81 13.11
CA ALA A 73 24.80 -14.94 13.86
C ALA A 73 23.52 -14.53 14.59
N LYS A 74 23.49 -13.29 15.04
CA LYS A 74 22.29 -12.79 15.69
C LYS A 74 21.17 -12.49 14.68
N ALA A 75 21.51 -11.99 13.50
CA ALA A 75 20.54 -11.99 12.39
C ALA A 75 19.93 -13.38 12.15
N ARG A 76 20.75 -14.43 12.07
CA ARG A 76 20.15 -15.80 11.80
C ARG A 76 19.25 -16.20 12.91
N ASP A 77 19.65 -15.84 14.13
CA ASP A 77 18.89 -16.28 15.32
C ASP A 77 17.48 -15.65 15.29
N VAL A 78 17.42 -14.37 14.90
CA VAL A 78 16.16 -13.61 14.84
C VAL A 78 15.26 -14.18 13.75
N VAL A 79 15.80 -14.33 12.57
CA VAL A 79 15.06 -14.99 11.47
C VAL A 79 14.58 -16.41 11.79
N ASN A 80 15.43 -17.19 12.46
CA ASN A 80 14.94 -18.60 12.85
C ASN A 80 13.73 -18.60 13.79
N ARG A 81 13.63 -17.59 14.66
CA ARG A 81 12.50 -17.51 15.56
C ARG A 81 11.19 -17.22 14.80
N LEU A 82 11.30 -16.33 13.83
CA LEU A 82 10.23 -16.05 12.89
C LEU A 82 9.87 -17.31 12.10
N THR A 83 10.85 -18.00 11.53
CA THR A 83 10.50 -19.17 10.66
C THR A 83 9.96 -20.29 11.51
N ALA A 84 10.28 -20.28 12.81
CA ALA A 84 9.72 -21.28 13.74
C ALA A 84 8.20 -21.09 13.91
N LEU A 85 7.71 -19.89 13.63
CA LEU A 85 6.28 -19.64 13.76
C LEU A 85 5.50 -20.45 12.78
N LYS A 86 6.15 -20.84 11.69
CA LYS A 86 5.42 -21.61 10.64
C LYS A 86 4.78 -22.94 11.14
N ALA A 87 5.29 -23.48 12.23
CA ALA A 87 4.73 -24.67 12.89
C ALA A 87 3.28 -24.46 13.37
N HIS A 88 2.87 -23.24 13.73
CA HIS A 88 1.47 -22.97 14.08
C HIS A 88 0.59 -22.71 12.89
N ASN A 89 1.15 -22.61 11.69
CA ASN A 89 0.35 -22.17 10.56
C ASN A 89 1.05 -22.60 9.31
N PRO A 90 0.56 -23.69 8.68
CA PRO A 90 1.18 -24.22 7.49
C PRO A 90 0.98 -23.33 6.23
N SER A 91 0.16 -22.30 6.30
CA SER A 91 0.06 -21.28 5.25
C SER A 91 0.99 -20.10 5.40
N LEU A 92 1.64 -19.97 6.55
CA LEU A 92 2.31 -18.73 6.87
C LEU A 92 3.67 -18.63 6.16
N ARG A 93 3.97 -17.47 5.58
CA ARG A 93 5.26 -17.21 5.00
C ARG A 93 6.00 -16.09 5.69
N ILE A 94 7.31 -16.31 5.88
CA ILE A 94 8.24 -15.31 6.27
C ILE A 94 9.02 -14.79 5.05
N MET A 95 8.49 -13.72 4.49
CA MET A 95 9.15 -12.95 3.45
C MET A 95 10.25 -12.10 4.02
N PHE A 96 11.19 -11.67 3.17
CA PHE A 96 12.04 -10.55 3.55
C PHE A 96 11.93 -9.44 2.54
N SER A 97 12.10 -8.22 3.05
CA SER A 97 11.93 -7.01 2.30
C SER A 97 13.23 -6.16 2.09
N ILE A 98 13.44 -5.73 0.84
CA ILE A 98 14.63 -5.02 0.42
C ILE A 98 14.23 -3.60 0.13
N GLY A 99 14.70 -2.66 0.94
CA GLY A 99 14.54 -1.22 0.57
C GLY A 99 14.03 -0.37 1.70
N GLY A 100 12.78 0.08 1.60
CA GLY A 100 12.27 1.09 2.51
C GLY A 100 12.70 2.53 2.21
N TRP A 101 12.07 3.48 2.87
CA TRP A 101 12.37 4.93 2.59
C TRP A 101 13.82 5.29 2.86
N TYR A 102 14.33 4.88 3.98
CA TYR A 102 15.68 5.29 4.43
C TYR A 102 16.74 4.90 3.37
N TYR A 103 16.73 3.62 2.96
CA TYR A 103 17.64 3.11 1.94
C TYR A 103 17.40 3.63 0.53
N SER A 104 16.12 3.67 0.12
CA SER A 104 15.80 3.76 -1.32
C SER A 104 15.14 5.03 -1.83
N ASN A 105 14.90 6.01 -0.96
CA ASN A 105 14.25 7.24 -1.48
C ASN A 105 15.15 7.92 -2.40
N ASP A 106 14.67 8.83 -3.23
CA ASP A 106 15.64 9.53 -4.18
C ASP A 106 16.92 10.09 -3.57
N LEU A 107 16.85 10.53 -2.31
CA LEU A 107 18.00 11.03 -1.58
C LEU A 107 18.44 10.08 -0.51
N GLY A 108 18.04 8.82 -0.57
CA GLY A 108 18.42 7.82 0.43
C GLY A 108 19.88 7.43 0.30
N VAL A 109 20.44 6.91 1.38
CA VAL A 109 21.88 6.58 1.36
C VAL A 109 22.26 5.45 0.37
N SER A 110 21.31 4.60 -0.03
CA SER A 110 21.70 3.49 -0.93
C SER A 110 21.13 3.62 -2.34
N HIS A 111 20.60 4.80 -2.66
CA HIS A 111 19.72 4.94 -3.82
C HIS A 111 20.33 4.51 -5.14
N ALA A 112 21.60 4.91 -5.33
CA ALA A 112 22.31 4.72 -6.55
C ALA A 112 22.43 3.17 -6.85
N ASN A 113 22.50 2.42 -5.78
CA ASN A 113 22.61 0.98 -5.85
C ASN A 113 21.37 0.34 -6.43
N TYR A 114 20.20 0.89 -6.09
CA TYR A 114 18.94 0.42 -6.67
C TYR A 114 18.92 0.70 -8.16
N VAL A 115 19.20 1.94 -8.49
CA VAL A 115 19.35 2.33 -9.91
C VAL A 115 20.32 1.44 -10.70
N ASN A 116 21.54 1.25 -10.15
CA ASN A 116 22.55 0.51 -10.87
C ASN A 116 22.30 -1.02 -10.94
N ALA A 117 21.67 -1.56 -9.91
CA ALA A 117 21.44 -2.99 -9.81
C ALA A 117 20.54 -3.47 -10.90
N VAL A 118 19.62 -2.61 -11.40
CA VAL A 118 18.62 -3.00 -12.39
C VAL A 118 18.90 -2.50 -13.79
N LYS A 119 20.07 -1.88 -13.93
CA LYS A 119 20.40 -1.11 -15.09
C LYS A 119 20.75 -1.92 -16.33
N THR A 120 21.32 -3.08 -16.18
CA THR A 120 21.71 -3.84 -17.35
C THR A 120 21.41 -5.28 -17.15
N PRO A 121 21.53 -6.09 -18.24
CA PRO A 121 21.16 -7.48 -18.03
C PRO A 121 22.02 -8.19 -17.04
N ALA A 122 23.34 -8.10 -17.17
CA ALA A 122 24.27 -8.76 -16.26
C ALA A 122 24.09 -8.28 -14.83
N ALA A 123 23.88 -6.98 -14.61
CA ALA A 123 23.69 -6.52 -13.24
C ALA A 123 22.32 -7.05 -12.68
N ARG A 124 21.30 -7.14 -13.51
CA ARG A 124 20.06 -7.75 -13.01
C ARG A 124 20.28 -9.24 -12.66
N THR A 125 21.16 -9.90 -13.41
CA THR A 125 21.36 -11.34 -13.17
C THR A 125 22.10 -11.48 -11.83
N LYS A 126 23.14 -10.69 -11.68
CA LYS A 126 23.80 -10.66 -10.36
C LYS A 126 22.88 -10.24 -9.19
N PHE A 127 22.04 -9.25 -9.36
CA PHE A 127 21.10 -8.85 -8.29
C PHE A 127 20.06 -9.93 -7.95
N ALA A 128 19.45 -10.44 -8.98
CA ALA A 128 18.47 -11.53 -8.88
C ALA A 128 19.03 -12.71 -8.16
N GLN A 129 20.24 -13.10 -8.55
CA GLN A 129 20.88 -14.27 -7.90
C GLN A 129 21.10 -13.97 -6.44
N SER A 130 21.53 -12.74 -6.08
CA SER A 130 21.77 -12.45 -4.67
C SER A 130 20.47 -12.53 -3.86
N CYS A 131 19.34 -12.14 -4.45
CA CYS A 131 18.05 -12.23 -3.73
C CYS A 131 17.68 -13.63 -3.33
N VAL A 132 17.71 -14.58 -4.27
CA VAL A 132 17.36 -15.95 -4.02
C VAL A 132 18.37 -16.57 -3.09
N ARG A 133 19.66 -16.27 -3.29
CA ARG A 133 20.64 -16.89 -2.47
C ARG A 133 20.45 -16.42 -1.04
N ILE A 134 20.21 -15.11 -0.82
CA ILE A 134 19.88 -14.66 0.54
C ILE A 134 18.63 -15.36 1.03
N MET A 135 17.59 -15.48 0.20
CA MET A 135 16.34 -16.15 0.65
C MET A 135 16.67 -17.59 1.14
N LYS A 136 17.52 -18.28 0.44
CA LYS A 136 17.71 -19.69 0.73
C LYS A 136 18.61 -19.79 1.93
N ASP A 137 19.62 -18.95 1.99
CA ASP A 137 20.58 -19.04 3.08
C ASP A 137 19.94 -18.71 4.46
N TYR A 138 18.98 -17.80 4.53
CA TYR A 138 18.46 -17.42 5.83
C TYR A 138 17.18 -18.13 6.10
N GLY A 139 16.65 -18.86 5.10
CA GLY A 139 15.43 -19.64 5.28
C GLY A 139 14.09 -18.90 5.09
N PHE A 140 14.14 -17.84 4.30
CA PHE A 140 12.96 -17.02 4.08
C PHE A 140 12.11 -17.67 3.03
N ASP A 141 10.84 -17.25 2.91
CA ASP A 141 9.89 -17.88 2.01
C ASP A 141 9.54 -17.08 0.73
N GLY A 142 10.26 -15.98 0.49
CA GLY A 142 10.01 -15.14 -0.67
C GLY A 142 10.54 -13.74 -0.48
N VAL A 143 10.42 -12.94 -1.53
CA VAL A 143 11.10 -11.68 -1.66
C VAL A 143 10.07 -10.57 -1.88
N ASP A 144 10.17 -9.51 -1.10
CA ASP A 144 9.37 -8.27 -1.28
C ASP A 144 10.32 -7.13 -1.61
N ILE A 145 10.03 -6.35 -2.63
CA ILE A 145 10.85 -5.25 -3.03
C ILE A 145 10.06 -3.98 -2.67
N ASP A 146 10.73 -3.12 -1.87
CA ASP A 146 10.16 -1.87 -1.39
C ASP A 146 11.10 -0.69 -1.72
N TRP A 147 11.32 -0.50 -3.01
CA TRP A 147 11.97 0.69 -3.59
C TRP A 147 10.94 1.80 -3.77
N GLU A 148 11.20 2.91 -3.06
CA GLU A 148 10.40 4.10 -3.11
C GLU A 148 11.08 5.34 -3.74
N TYR A 149 11.19 5.47 -5.08
CA TYR A 149 10.55 4.62 -6.09
C TYR A 149 11.33 4.67 -7.40
N PRO A 150 11.29 3.56 -8.23
CA PRO A 150 11.86 3.71 -9.55
C PRO A 150 11.21 4.82 -10.35
N GLN A 151 12.04 5.56 -11.10
CA GLN A 151 11.55 6.71 -11.90
C GLN A 151 11.30 6.13 -13.25
N ALA A 152 10.53 6.87 -14.08
CA ALA A 152 10.07 6.33 -15.35
C ALA A 152 11.26 5.73 -16.19
N ALA A 153 12.38 6.42 -16.21
CA ALA A 153 13.58 5.91 -16.95
C ALA A 153 14.10 4.58 -16.48
N GLU A 154 13.78 4.17 -15.26
CA GLU A 154 14.42 3.01 -14.61
C GLU A 154 13.50 1.83 -14.60
N VAL A 155 12.25 2.08 -15.01
CA VAL A 155 11.16 1.20 -14.75
C VAL A 155 11.29 -0.08 -15.64
N ASP A 156 11.77 0.07 -16.87
CA ASP A 156 12.01 -1.13 -17.74
C ASP A 156 13.10 -2.04 -17.09
N GLY A 157 14.03 -1.44 -16.37
CA GLY A 157 15.11 -2.22 -15.68
C GLY A 157 14.48 -2.95 -14.49
N PHE A 158 13.60 -2.24 -13.82
CA PHE A 158 12.96 -2.77 -12.59
C PHE A 158 12.07 -3.96 -12.95
N ILE A 159 11.38 -3.85 -14.04
CA ILE A 159 10.50 -4.89 -14.56
C ILE A 159 11.27 -6.14 -14.94
N ALA A 160 12.29 -5.97 -15.78
CA ALA A 160 13.28 -7.03 -16.05
C ALA A 160 13.85 -7.72 -14.83
N ALA A 161 14.14 -6.94 -13.80
CA ALA A 161 14.62 -7.48 -12.54
C ALA A 161 13.56 -8.32 -11.83
N LEU A 162 12.29 -7.86 -11.78
CA LEU A 162 11.24 -8.74 -11.25
C LEU A 162 11.08 -10.02 -12.10
N GLN A 163 11.17 -9.91 -13.43
CA GLN A 163 10.98 -11.09 -14.23
C GLN A 163 11.99 -12.13 -13.86
N GLU A 164 13.27 -11.71 -13.84
CA GLU A 164 14.33 -12.63 -13.63
C GLU A 164 14.26 -13.18 -12.22
N ILE A 165 14.02 -12.33 -11.21
CA ILE A 165 13.86 -12.91 -9.89
C ILE A 165 12.73 -13.98 -9.86
N ARG A 166 11.59 -13.69 -10.48
CA ARG A 166 10.50 -14.61 -10.46
C ARG A 166 10.91 -15.99 -11.13
N THR A 167 11.62 -15.95 -12.23
CA THR A 167 12.14 -17.19 -12.86
C THR A 167 12.97 -17.92 -11.83
N LEU A 168 13.75 -17.19 -11.03
CA LEU A 168 14.69 -17.94 -10.14
C LEU A 168 13.93 -18.47 -8.93
N LEU A 169 12.85 -17.78 -8.57
CA LEU A 169 12.00 -18.28 -7.48
C LEU A 169 11.33 -19.54 -7.96
N ASN A 170 10.89 -19.55 -9.19
CA ASN A 170 10.20 -20.75 -9.70
C ASN A 170 11.09 -21.96 -9.81
N GLN A 171 12.34 -21.75 -10.23
CA GLN A 171 13.31 -22.86 -10.27
C GLN A 171 13.48 -23.41 -8.93
N GLN A 172 13.64 -22.50 -7.98
CA GLN A 172 13.86 -22.89 -6.65
C GLN A 172 12.67 -23.62 -6.03
N THR A 173 11.43 -23.20 -6.27
CA THR A 173 10.28 -23.91 -5.76
C THR A 173 10.34 -25.41 -6.31
N ILE A 174 10.68 -25.58 -7.61
CA ILE A 174 10.71 -26.89 -8.21
C ILE A 174 11.84 -27.67 -7.57
N ALA A 175 13.00 -27.05 -7.35
CA ALA A 175 14.09 -27.81 -6.75
C ALA A 175 13.78 -28.25 -5.32
N ASP A 176 13.00 -27.47 -4.57
CA ASP A 176 12.65 -27.84 -3.18
C ASP A 176 11.34 -28.55 -3.02
N GLY A 177 10.66 -28.85 -4.11
CA GLY A 177 9.38 -29.49 -4.00
C GLY A 177 8.33 -28.68 -3.28
N ARG A 178 8.30 -27.35 -3.45
CA ARG A 178 7.53 -26.46 -2.59
C ARG A 178 6.21 -25.97 -3.19
N GLN A 179 5.65 -26.79 -4.04
CA GLN A 179 4.42 -26.48 -4.70
C GLN A 179 3.26 -26.30 -3.68
N ALA A 180 3.38 -26.79 -2.46
CA ALA A 180 2.28 -26.55 -1.52
C ALA A 180 2.41 -25.15 -0.92
N LEU A 181 3.60 -24.57 -0.97
CA LEU A 181 3.83 -23.19 -0.46
C LEU A 181 4.90 -22.51 -1.31
N PRO A 182 4.52 -22.18 -2.54
CA PRO A 182 5.67 -21.86 -3.43
C PRO A 182 6.24 -20.47 -3.03
N TYR A 183 7.54 -20.29 -3.22
CA TYR A 183 8.19 -19.07 -3.11
C TYR A 183 7.52 -17.95 -3.91
N GLN A 184 7.41 -16.81 -3.24
CA GLN A 184 6.62 -15.67 -3.75
C GLN A 184 7.43 -14.37 -3.91
N LEU A 185 6.87 -13.44 -4.68
CA LEU A 185 7.47 -12.16 -5.03
C LEU A 185 6.35 -11.10 -4.88
N THR A 186 6.61 -10.12 -4.03
CA THR A 186 5.72 -8.98 -3.87
C THR A 186 6.48 -7.70 -4.06
N ILE A 187 5.73 -6.65 -4.31
CA ILE A 187 6.29 -5.28 -4.06
C ILE A 187 5.41 -4.49 -3.21
N ALA A 188 6.03 -3.51 -2.55
CA ALA A 188 5.28 -2.40 -1.91
C ALA A 188 5.09 -1.36 -2.97
N GLY A 189 3.82 -1.14 -3.36
CA GLY A 189 3.52 -0.19 -4.44
C GLY A 189 3.11 1.17 -3.89
N ALA A 190 3.26 2.19 -4.70
CA ALA A 190 2.84 3.52 -4.33
C ALA A 190 1.29 3.53 -4.20
N GLY A 191 0.80 4.36 -3.28
CA GLY A 191 -0.63 4.41 -2.93
C GLY A 191 -1.28 5.75 -3.22
N GLY A 192 -0.51 6.64 -3.82
CA GLY A 192 -1.00 7.95 -4.25
C GLY A 192 -0.43 8.25 -5.62
N ALA A 193 -1.28 8.92 -6.40
CA ALA A 193 -0.97 9.18 -7.78
C ALA A 193 0.36 9.87 -8.13
N PHE A 194 0.90 10.72 -7.29
CA PHE A 194 2.12 11.40 -7.64
C PHE A 194 3.26 10.42 -7.83
N PHE A 195 3.54 9.59 -6.85
CA PHE A 195 4.60 8.58 -6.99
C PHE A 195 4.23 7.44 -7.99
N LEU A 196 2.95 7.14 -8.06
CA LEU A 196 2.42 6.03 -8.83
C LEU A 196 2.65 6.36 -10.29
N SER A 197 2.62 7.66 -10.58
CA SER A 197 2.76 8.07 -11.96
C SER A 197 4.13 7.80 -12.52
N ARG A 198 5.14 7.53 -11.67
CA ARG A 198 6.48 7.20 -12.21
C ARG A 198 6.41 5.89 -13.02
N TYR A 199 5.54 4.95 -12.65
CA TYR A 199 5.53 3.65 -13.33
C TYR A 199 4.15 3.26 -13.78
N TYR A 200 3.17 4.10 -13.53
CA TYR A 200 1.79 3.71 -13.85
C TYR A 200 1.59 3.21 -15.29
N SER A 201 2.21 3.83 -16.30
CA SER A 201 1.98 3.40 -17.68
C SER A 201 2.43 1.91 -17.95
N LYS A 202 3.27 1.32 -17.09
CA LYS A 202 3.69 -0.07 -17.25
C LYS A 202 3.24 -0.98 -16.14
N LEU A 203 2.04 -0.71 -15.58
CA LEU A 203 1.60 -1.36 -14.36
C LEU A 203 1.41 -2.88 -14.59
N ALA A 204 0.83 -3.24 -15.74
CA ALA A 204 0.58 -4.65 -16.13
C ALA A 204 1.86 -5.43 -16.11
N GLN A 205 2.91 -4.90 -16.75
CA GLN A 205 4.27 -5.54 -16.66
C GLN A 205 4.89 -5.69 -15.30
N ILE A 206 4.78 -4.62 -14.46
CA ILE A 206 5.21 -4.66 -13.07
C ILE A 206 4.50 -5.72 -12.24
N VAL A 207 3.18 -5.82 -12.32
CA VAL A 207 2.39 -6.74 -11.54
C VAL A 207 2.45 -8.23 -12.09
N ALA A 208 2.69 -8.43 -13.38
CA ALA A 208 2.58 -9.80 -13.94
C ALA A 208 3.47 -10.80 -13.23
N PRO A 209 4.77 -10.51 -13.02
CA PRO A 209 5.58 -11.44 -12.22
C PRO A 209 5.30 -11.51 -10.69
N LEU A 210 4.37 -10.72 -10.19
CA LEU A 210 4.14 -10.71 -8.76
C LEU A 210 3.00 -11.60 -8.34
N ASP A 211 3.10 -12.08 -7.11
CA ASP A 211 1.96 -12.65 -6.46
C ASP A 211 1.08 -11.54 -5.92
N TYR A 212 1.64 -10.46 -5.40
CA TYR A 212 0.77 -9.36 -4.94
C TYR A 212 1.46 -8.03 -5.07
N ILE A 213 0.71 -7.00 -5.37
CA ILE A 213 1.23 -5.64 -5.27
C ILE A 213 0.60 -4.99 -4.02
N ASN A 214 1.39 -4.75 -3.00
CA ASN A 214 0.87 -4.30 -1.70
C ASN A 214 0.87 -2.75 -1.70
N LEU A 215 -0.30 -2.13 -1.90
CA LEU A 215 -0.37 -0.70 -2.05
C LEU A 215 -0.16 0.01 -0.73
N MET A 216 0.76 0.95 -0.69
CA MET A 216 0.93 1.82 0.49
C MET A 216 -0.12 2.83 0.51
N THR A 217 -1.33 2.39 0.77
CA THR A 217 -2.48 3.34 0.78
C THR A 217 -2.61 3.99 2.13
N TYR A 218 -1.48 4.65 2.50
CA TYR A 218 -1.39 5.46 3.66
C TYR A 218 -0.36 6.56 3.42
N ASP A 219 -0.10 7.40 4.43
CA ASP A 219 0.82 8.52 4.23
C ASP A 219 0.32 9.42 3.15
N LEU A 220 -1.01 9.53 3.01
CA LEU A 220 -1.58 10.35 1.98
C LEU A 220 -1.76 11.78 2.50
N ALA A 221 -1.40 12.04 3.75
CA ALA A 221 -1.31 13.40 4.30
C ALA A 221 -0.07 13.39 5.14
N GLY A 222 0.49 14.54 5.32
CA GLY A 222 1.79 14.66 5.95
C GLY A 222 2.08 16.13 6.18
N PRO A 223 3.14 16.43 7.00
CA PRO A 223 3.62 17.77 7.31
C PRO A 223 3.96 18.50 6.06
N TRP A 224 4.25 17.69 5.04
CA TRP A 224 4.62 18.18 3.75
C TRP A 224 3.44 18.81 3.02
N GLU A 225 2.19 18.41 3.29
CA GLU A 225 1.02 19.16 2.73
C GLU A 225 0.79 20.39 3.59
N LYS A 226 0.01 21.33 3.10
CA LYS A 226 -0.15 22.58 3.79
C LYS A 226 -1.39 22.63 4.70
N ILE A 227 -2.21 21.59 4.59
CA ILE A 227 -3.54 21.54 5.17
C ILE A 227 -3.61 20.15 5.78
N THR A 228 -4.02 20.08 7.03
CA THR A 228 -4.20 18.79 7.64
C THR A 228 -5.19 17.98 6.90
N ASN A 229 -4.92 16.69 6.83
CA ASN A 229 -5.86 15.78 6.24
C ASN A 229 -5.71 14.40 6.79
N HIS A 230 -6.71 13.55 6.59
CA HIS A 230 -6.62 12.07 6.86
C HIS A 230 -5.59 11.43 5.98
N GLN A 231 -4.69 10.68 6.60
CA GLN A 231 -3.60 10.02 5.85
C GLN A 231 -4.03 8.72 5.04
N ALA A 232 -5.25 8.23 5.26
CA ALA A 232 -5.73 6.97 4.66
C ALA A 232 -7.29 6.97 4.61
N ALA A 233 -7.87 8.09 4.19
CA ALA A 233 -9.30 8.16 4.04
C ALA A 233 -9.75 7.09 3.02
N LEU A 234 -10.82 6.37 3.32
CA LEU A 234 -11.23 5.35 2.36
C LEU A 234 -11.93 6.00 1.15
N PHE A 235 -12.79 6.95 1.44
CA PHE A 235 -13.55 7.68 0.42
C PHE A 235 -13.34 9.14 0.72
N GLY A 236 -13.74 10.01 -0.20
CA GLY A 236 -13.40 11.41 -0.10
C GLY A 236 -14.35 12.32 0.67
N ASP A 237 -13.82 13.40 1.21
CA ASP A 237 -14.70 14.36 1.88
C ASP A 237 -14.57 15.63 1.09
N ALA A 238 -15.71 16.11 0.60
CA ALA A 238 -15.76 17.32 -0.18
C ALA A 238 -15.22 18.52 0.58
N ALA A 239 -15.34 18.54 1.89
CA ALA A 239 -14.81 19.66 2.65
C ALA A 239 -13.26 19.57 2.71
N GLY A 240 -12.64 18.49 2.21
CA GLY A 240 -11.18 18.34 2.38
C GLY A 240 -10.50 18.83 1.15
N PRO A 241 -9.19 18.81 1.14
CA PRO A 241 -8.46 19.21 -0.01
C PRO A 241 -8.51 18.16 -1.19
N THR A 242 -8.21 18.69 -2.38
CA THR A 242 -8.18 17.89 -3.58
C THR A 242 -6.83 18.19 -4.21
N PHE A 243 -6.45 17.31 -5.12
CA PHE A 243 -5.18 17.37 -5.78
C PHE A 243 -5.22 17.10 -7.27
N TYR A 244 -4.15 17.61 -7.92
CA TYR A 244 -3.91 17.45 -9.30
C TYR A 244 -3.77 15.96 -9.52
N ASN A 245 -4.38 15.43 -10.56
CA ASN A 245 -4.23 13.98 -10.93
C ASN A 245 -3.08 13.85 -11.88
N ALA A 246 -1.87 13.57 -11.37
CA ALA A 246 -0.69 13.43 -12.21
C ALA A 246 -0.83 12.25 -13.24
N LEU A 247 -1.75 11.31 -13.03
CA LEU A 247 -1.81 10.18 -14.05
C LEU A 247 -2.30 10.62 -15.43
N ARG A 248 -2.95 11.78 -15.51
CA ARG A 248 -3.45 12.23 -16.83
C ARG A 248 -2.30 12.69 -17.71
N GLU A 249 -1.11 12.83 -17.12
CA GLU A 249 0.09 13.15 -17.85
C GLU A 249 1.01 12.01 -18.05
N ALA A 250 0.64 10.82 -17.62
CA ALA A 250 1.51 9.69 -17.90
C ALA A 250 1.53 9.39 -19.41
N ASN A 251 2.56 8.69 -19.83
CA ASN A 251 2.74 8.35 -21.21
C ASN A 251 1.91 7.13 -21.64
N LEU A 252 0.59 7.32 -21.78
CA LEU A 252 -0.30 6.22 -22.00
C LEU A 252 -0.65 6.07 -23.47
N GLY A 253 -0.55 7.14 -24.23
CA GLY A 253 -0.99 7.26 -25.65
C GLY A 253 -2.51 7.30 -25.76
N TRP A 254 -3.23 7.61 -24.70
CA TRP A 254 -4.68 7.70 -24.82
C TRP A 254 -5.17 9.06 -25.38
N SER A 255 -6.47 9.08 -25.72
CA SER A 255 -7.12 10.25 -26.29
C SER A 255 -7.53 11.19 -25.14
N TRP A 256 -7.89 12.44 -25.47
CA TRP A 256 -8.39 13.39 -24.49
C TRP A 256 -9.61 12.75 -23.82
N GLU A 257 -10.46 12.04 -24.56
CA GLU A 257 -11.72 11.58 -23.87
C GLU A 257 -11.29 10.46 -22.93
N GLU A 258 -10.35 9.66 -23.38
CA GLU A 258 -9.99 8.49 -22.59
C GLU A 258 -9.32 8.98 -21.30
N LEU A 259 -8.48 9.99 -21.44
CA LEU A 259 -7.72 10.53 -20.29
C LEU A 259 -8.68 11.16 -19.32
N THR A 260 -9.63 11.90 -19.85
CA THR A 260 -10.55 12.66 -19.00
C THR A 260 -11.46 11.74 -18.17
N ARG A 261 -11.98 10.73 -18.83
CA ARG A 261 -12.82 9.70 -18.18
C ARG A 261 -12.07 8.88 -17.12
N ALA A 262 -10.78 8.61 -17.32
CA ALA A 262 -9.96 7.91 -16.32
C ALA A 262 -9.50 8.72 -15.13
N PHE A 263 -9.22 10.01 -15.34
CA PHE A 263 -8.45 10.78 -14.42
C PHE A 263 -9.07 12.11 -14.09
N PRO A 264 -10.17 12.12 -13.37
CA PRO A 264 -10.71 13.40 -13.03
C PRO A 264 -9.69 14.22 -12.24
N SER A 265 -9.76 15.55 -12.33
CA SER A 265 -8.81 16.38 -11.71
C SER A 265 -9.39 17.73 -11.51
N PRO A 266 -9.27 18.29 -10.30
CA PRO A 266 -8.60 17.65 -9.17
C PRO A 266 -9.38 16.47 -8.63
N PHE A 267 -8.77 15.76 -7.70
CA PHE A 267 -9.40 14.63 -7.09
C PHE A 267 -9.01 14.46 -5.61
N SER A 268 -9.72 13.53 -4.96
CA SER A 268 -9.57 13.25 -3.54
C SER A 268 -8.60 12.13 -3.31
N LEU A 269 -7.56 12.43 -2.53
CA LEU A 269 -6.49 11.40 -2.31
C LEU A 269 -6.94 10.35 -1.26
N THR A 270 -7.28 9.15 -1.72
CA THR A 270 -7.95 8.16 -0.88
C THR A 270 -7.56 6.78 -1.32
N VAL A 271 -7.85 5.80 -0.46
CA VAL A 271 -7.54 4.39 -0.66
C VAL A 271 -8.28 3.91 -1.91
N ASP A 272 -9.60 4.18 -1.94
CA ASP A 272 -10.47 3.88 -3.05
C ASP A 272 -9.93 4.38 -4.40
N ALA A 273 -9.52 5.63 -4.40
CA ALA A 273 -8.84 6.20 -5.58
C ALA A 273 -7.67 5.39 -6.05
N ALA A 274 -6.75 5.03 -5.13
CA ALA A 274 -5.58 4.29 -5.61
C ALA A 274 -5.96 2.87 -6.11
N VAL A 275 -6.96 2.26 -5.45
CA VAL A 275 -7.37 0.92 -5.87
C VAL A 275 -8.05 0.98 -7.28
N GLN A 276 -8.99 1.92 -7.44
CA GLN A 276 -9.59 2.10 -8.76
C GLN A 276 -8.48 2.45 -9.79
N GLN A 277 -7.62 3.38 -9.43
CA GLN A 277 -6.44 3.64 -10.38
C GLN A 277 -5.77 2.37 -10.91
N HIS A 278 -5.60 1.39 -10.06
CA HIS A 278 -4.99 0.12 -10.48
C HIS A 278 -5.92 -0.73 -11.34
N LEU A 279 -7.17 -0.82 -10.90
CA LEU A 279 -8.19 -1.61 -11.61
C LEU A 279 -8.49 -1.10 -13.00
N MET A 280 -8.36 0.18 -13.19
CA MET A 280 -8.50 0.76 -14.54
C MET A 280 -7.57 0.25 -15.60
N MET A 281 -6.40 -0.26 -15.23
CA MET A 281 -5.42 -0.66 -16.18
C MET A 281 -5.64 -2.15 -16.58
N GLU A 282 -5.50 -2.42 -17.86
CA GLU A 282 -5.72 -3.75 -18.39
C GLU A 282 -4.58 -4.66 -17.97
N GLY A 283 -4.92 -5.89 -17.53
CA GLY A 283 -3.95 -6.85 -17.08
C GLY A 283 -3.45 -6.70 -15.64
N VAL A 284 -4.07 -5.81 -14.86
CA VAL A 284 -3.93 -5.76 -13.40
C VAL A 284 -5.13 -6.41 -12.72
N PRO A 285 -5.01 -7.69 -12.33
CA PRO A 285 -6.18 -8.34 -11.69
C PRO A 285 -6.39 -7.91 -10.25
N SER A 286 -7.66 -7.93 -9.85
CA SER A 286 -8.10 -7.47 -8.59
C SER A 286 -7.48 -8.31 -7.51
N ALA A 287 -7.36 -9.59 -7.79
CA ALA A 287 -6.90 -10.51 -6.80
C ALA A 287 -5.37 -10.33 -6.54
N LYS A 288 -4.59 -9.67 -7.38
CA LYS A 288 -3.18 -9.39 -6.97
C LYS A 288 -3.05 -8.06 -6.18
N ILE A 289 -4.16 -7.35 -6.02
CA ILE A 289 -4.08 -5.99 -5.35
C ILE A 289 -4.35 -6.15 -3.87
N VAL A 290 -3.40 -5.70 -3.05
CA VAL A 290 -3.52 -5.82 -1.60
C VAL A 290 -3.57 -4.37 -0.98
N MET A 291 -4.52 -4.10 -0.11
CA MET A 291 -4.71 -2.72 0.45
C MET A 291 -3.85 -2.57 1.65
N GLY A 292 -2.90 -1.67 1.58
CA GLY A 292 -2.14 -1.33 2.83
C GLY A 292 -3.02 -0.61 3.82
N VAL A 293 -2.79 -0.83 5.12
CA VAL A 293 -3.32 0.02 6.16
C VAL A 293 -2.22 0.33 7.17
N PRO A 294 -2.24 1.54 7.81
CA PRO A 294 -1.28 1.95 8.82
C PRO A 294 -1.71 1.50 10.20
N PHE A 295 -0.77 0.91 10.94
CA PHE A 295 -0.97 0.70 12.37
C PHE A 295 -0.46 1.89 13.21
N TYR A 296 -0.43 3.09 12.62
CA TYR A 296 0.09 4.27 13.30
C TYR A 296 -0.68 5.47 12.79
N GLY A 297 -0.67 6.54 13.57
CA GLY A 297 -1.21 7.81 13.11
C GLY A 297 -0.09 8.80 12.75
N ARG A 298 -0.46 9.82 12.02
CA ARG A 298 0.36 10.98 11.83
C ARG A 298 -0.21 12.15 12.59
N ALA A 299 0.66 12.89 13.26
CA ALA A 299 0.26 13.98 14.21
C ALA A 299 0.70 15.33 13.72
N PHE A 300 -0.23 16.28 13.83
CA PHE A 300 0.05 17.69 13.52
C PHE A 300 -0.12 18.59 14.76
N LYS A 301 0.54 19.72 14.78
CA LYS A 301 0.41 20.75 15.88
C LYS A 301 0.12 22.08 15.23
N GLY A 302 -0.04 23.15 15.98
CA GLY A 302 -0.44 24.43 15.38
C GLY A 302 -1.83 24.49 14.71
N VAL A 303 -2.73 23.56 14.98
CA VAL A 303 -3.98 23.59 14.19
C VAL A 303 -5.02 24.42 14.89
N SER A 304 -5.88 25.08 14.15
CA SER A 304 -7.06 25.66 14.79
C SER A 304 -8.24 24.99 14.19
N GLY A 305 -8.96 24.25 15.03
CA GLY A 305 -10.20 23.60 14.63
C GLY A 305 -11.38 24.55 14.55
N GLY A 306 -12.52 24.12 15.07
CA GLY A 306 -13.78 24.51 14.51
C GLY A 306 -14.28 23.32 13.69
N ASN A 307 -13.38 22.58 13.01
CA ASN A 307 -13.72 21.28 12.44
C ASN A 307 -12.86 20.09 12.96
N GLY A 308 -12.55 20.11 14.24
CA GLY A 308 -11.90 18.95 14.86
C GLY A 308 -10.42 18.89 14.51
N GLY A 309 -9.91 19.99 13.95
CA GLY A 309 -8.53 20.11 13.55
C GLY A 309 -8.36 19.57 12.13
N GLN A 310 -9.48 19.20 11.48
CA GLN A 310 -9.36 18.69 10.11
C GLN A 310 -9.26 19.89 9.15
N TYR A 311 -8.44 19.75 8.11
CA TYR A 311 -8.34 20.70 7.01
C TYR A 311 -7.94 22.08 7.50
N SER A 312 -6.98 22.10 8.43
CA SER A 312 -6.44 23.29 9.03
C SER A 312 -4.96 23.48 8.60
N SER A 313 -4.57 24.75 8.54
CA SER A 313 -3.18 25.11 8.41
C SER A 313 -2.60 24.67 9.76
N HIS A 314 -1.26 24.62 9.85
CA HIS A 314 -0.56 23.96 10.93
C HIS A 314 0.90 24.29 10.89
N SER A 315 1.60 23.91 11.94
CA SER A 315 2.99 24.28 12.25
C SER A 315 3.83 23.10 12.52
N THR A 316 3.59 22.00 11.81
CA THR A 316 4.33 20.79 12.02
C THR A 316 5.61 20.79 11.24
N PRO A 317 6.77 20.56 11.91
CA PRO A 317 7.98 20.58 11.08
C PRO A 317 7.96 19.41 10.05
N GLY A 318 8.48 19.65 8.85
CA GLY A 318 8.53 18.64 7.81
C GLY A 318 9.91 18.04 7.64
N GLU A 319 10.89 18.58 8.34
CA GLU A 319 12.28 18.17 8.07
C GLU A 319 12.52 16.76 8.56
N ASP A 320 13.64 16.26 8.12
CA ASP A 320 14.08 14.96 8.53
C ASP A 320 15.60 15.05 8.79
N PRO A 321 16.06 14.77 10.00
CA PRO A 321 15.36 14.27 11.18
C PRO A 321 14.46 15.32 11.82
N TYR A 322 13.60 14.89 12.73
CA TYR A 322 12.81 15.91 13.42
C TYR A 322 13.77 16.94 14.09
N PRO A 323 13.59 18.22 13.85
CA PRO A 323 14.70 19.14 14.07
C PRO A 323 14.87 19.73 15.51
N ASN A 324 14.18 19.25 16.53
CA ASN A 324 14.46 19.78 17.88
C ASN A 324 14.04 18.79 18.91
N ALA A 325 14.08 19.19 20.19
CA ALA A 325 13.73 18.26 21.22
C ALA A 325 12.36 18.55 21.86
N ASP A 326 11.53 19.38 21.23
CA ASP A 326 10.11 19.56 21.72
C ASP A 326 9.23 18.41 21.17
N TYR A 327 9.04 17.41 22.02
CA TYR A 327 8.16 16.31 21.79
C TYR A 327 6.75 16.71 22.24
N TRP A 328 6.06 17.47 21.40
CA TRP A 328 4.75 18.15 21.74
C TRP A 328 3.52 17.27 21.77
N LEU A 329 3.68 16.01 21.37
CA LEU A 329 2.55 15.09 21.27
C LEU A 329 2.30 14.52 22.65
N VAL A 330 1.36 15.17 23.32
CA VAL A 330 1.10 15.01 24.77
C VAL A 330 0.72 13.54 25.03
N GLY A 331 1.45 12.95 26.01
CA GLY A 331 1.35 11.53 26.41
C GLY A 331 1.92 10.49 25.43
N CYS A 332 2.57 10.94 24.38
CA CYS A 332 3.24 10.01 23.51
C CYS A 332 4.66 9.65 24.02
N ASP A 333 4.77 8.62 24.86
CA ASP A 333 6.09 8.15 25.36
C ASP A 333 6.99 7.51 24.32
N GLU A 334 6.42 6.68 23.43
CA GLU A 334 7.17 6.14 22.29
C GLU A 334 7.80 7.28 21.43
N CYS A 335 7.07 8.37 21.25
CA CYS A 335 7.58 9.53 20.51
C CYS A 335 8.84 10.05 21.10
N VAL A 336 8.89 10.14 22.45
CA VAL A 336 10.10 10.63 23.13
C VAL A 336 11.24 9.64 22.83
N ARG A 337 10.98 8.35 23.10
CA ARG A 337 11.87 7.24 22.74
C ARG A 337 12.42 7.40 21.32
N ASP A 338 11.55 7.65 20.34
CA ASP A 338 12.00 7.69 18.95
C ASP A 338 12.33 9.11 18.48
N LYS A 339 12.25 10.10 19.38
CA LYS A 339 12.59 11.51 19.08
C LYS A 339 11.84 12.10 17.90
N ASP A 340 10.53 11.92 17.88
CA ASP A 340 9.69 12.41 16.79
C ASP A 340 8.22 12.33 17.27
N PRO A 341 7.56 13.47 17.39
CA PRO A 341 6.16 13.54 17.82
C PRO A 341 5.23 13.41 16.66
N ARG A 342 5.78 13.25 15.46
CA ARG A 342 4.89 13.23 14.33
C ARG A 342 4.28 11.89 13.97
N ILE A 343 4.73 10.82 14.60
CA ILE A 343 4.26 9.44 14.24
C ILE A 343 4.01 8.75 15.54
N ALA A 344 2.75 8.34 15.73
CA ALA A 344 2.39 7.58 16.93
C ALA A 344 1.68 6.24 16.61
N SER A 345 2.21 5.13 17.12
CA SER A 345 1.61 3.79 16.93
C SER A 345 0.18 3.78 17.51
N TYR A 346 -0.63 2.90 16.95
CA TYR A 346 -2.01 2.70 17.50
C TYR A 346 -1.94 2.31 18.98
N ARG A 347 -0.90 1.54 19.35
CA ARG A 347 -0.74 0.99 20.68
C ARG A 347 -0.63 2.20 21.68
N GLN A 348 0.26 3.11 21.35
CA GLN A 348 0.40 4.35 22.06
C GLN A 348 -0.84 5.31 21.98
N LEU A 349 -1.57 5.30 20.88
CA LEU A 349 -2.66 6.29 20.73
C LEU A 349 -3.80 5.89 21.63
N GLU A 350 -3.96 4.60 21.77
CA GLU A 350 -4.93 4.05 22.69
C GLU A 350 -4.67 4.55 24.12
N GLN A 351 -3.41 4.53 24.57
CA GLN A 351 -3.03 4.98 25.88
C GLN A 351 -3.19 6.51 26.00
N MET A 352 -3.01 7.22 24.91
CA MET A 352 -3.14 8.68 24.97
C MET A 352 -4.60 9.05 25.15
N LEU A 353 -5.44 8.27 24.52
CA LEU A 353 -6.88 8.56 24.59
C LEU A 353 -7.44 8.15 25.97
N GLN A 354 -6.87 7.11 26.58
CA GLN A 354 -7.38 6.58 27.82
C GLN A 354 -6.95 7.43 29.04
N GLY A 355 -5.74 7.97 29.00
CA GLY A 355 -5.17 8.85 30.04
C GLY A 355 -5.74 10.24 29.97
N ASN A 356 -5.37 11.07 30.91
CA ASN A 356 -5.88 12.45 30.99
C ASN A 356 -5.01 13.37 30.24
N TYR A 357 -5.00 13.26 28.91
CA TYR A 357 -4.03 14.02 28.16
C TYR A 357 -4.70 15.08 27.34
N GLY A 358 -6.04 15.13 27.35
CA GLY A 358 -6.77 16.16 26.65
C GLY A 358 -7.31 15.87 25.24
N TYR A 359 -7.33 14.61 24.76
CA TYR A 359 -7.76 14.35 23.34
C TYR A 359 -9.23 13.96 23.24
N GLN A 360 -9.96 14.33 22.20
CA GLN A 360 -11.21 13.63 21.86
C GLN A 360 -11.07 12.76 20.60
N ARG A 361 -11.63 11.55 20.60
CA ARG A 361 -11.69 10.74 19.42
C ARG A 361 -12.87 11.14 18.66
N LEU A 362 -12.71 11.48 17.38
CA LEU A 362 -13.79 11.91 16.51
C LEU A 362 -13.83 10.99 15.29
N TRP A 363 -14.89 11.09 14.50
CA TRP A 363 -15.11 10.16 13.39
C TRP A 363 -15.62 10.93 12.20
N ASN A 364 -15.01 10.73 11.04
CA ASN A 364 -15.48 11.32 9.84
C ASN A 364 -16.19 10.22 9.08
N ASP A 365 -17.48 10.45 8.82
CA ASP A 365 -18.39 9.46 8.31
C ASP A 365 -18.37 9.33 6.77
N LYS A 366 -17.67 10.26 6.13
CA LYS A 366 -17.40 10.23 4.71
C LYS A 366 -16.12 9.45 4.46
N THR A 367 -15.09 9.82 5.19
CA THR A 367 -13.78 9.11 5.01
C THR A 367 -13.76 7.74 5.69
N LYS A 368 -14.74 7.48 6.59
CA LYS A 368 -14.77 6.28 7.44
C LYS A 368 -13.42 6.10 8.20
N THR A 369 -12.94 7.18 8.82
CA THR A 369 -11.74 7.11 9.60
C THR A 369 -11.84 7.98 10.85
N PRO A 370 -11.13 7.56 11.90
CA PRO A 370 -11.06 8.26 13.12
C PRO A 370 -10.00 9.31 13.19
N TYR A 371 -10.10 10.16 14.19
CA TYR A 371 -9.11 11.20 14.38
C TYR A 371 -9.15 11.72 15.78
N LEU A 372 -7.97 12.01 16.30
CA LEU A 372 -7.94 12.67 17.60
C LEU A 372 -7.80 14.14 17.42
N TYR A 373 -8.38 14.87 18.34
CA TYR A 373 -8.22 16.32 18.40
C TYR A 373 -8.00 16.77 19.86
N HIS A 374 -7.03 17.64 20.04
CA HIS A 374 -6.57 18.16 21.31
C HIS A 374 -6.82 19.67 21.22
N ALA A 375 -7.94 20.05 21.72
CA ALA A 375 -8.48 21.37 21.59
C ALA A 375 -7.66 22.40 22.37
N GLN A 376 -7.17 22.06 23.53
CA GLN A 376 -6.43 23.06 24.22
C GLN A 376 -5.02 23.35 23.59
N ASN A 377 -4.36 22.42 22.95
CA ASN A 377 -3.00 22.75 22.36
C ASN A 377 -2.97 22.89 20.85
N GLY A 378 -4.11 22.60 20.24
CA GLY A 378 -4.23 22.58 18.78
C GLY A 378 -3.46 21.43 18.11
N LEU A 379 -3.76 20.21 18.49
CA LEU A 379 -3.26 18.99 17.85
C LEU A 379 -4.33 18.23 17.17
N PHE A 380 -3.90 17.59 16.07
CA PHE A 380 -4.73 16.73 15.19
C PHE A 380 -3.94 15.50 14.82
N VAL A 381 -4.55 14.34 15.07
CA VAL A 381 -3.97 13.06 14.68
C VAL A 381 -4.85 12.25 13.79
N THR A 382 -4.31 11.87 12.65
CA THR A 382 -5.05 11.00 11.68
C THR A 382 -4.58 9.55 11.82
N TYR A 383 -5.49 8.63 12.16
CA TYR A 383 -5.07 7.21 12.39
C TYR A 383 -6.11 6.25 11.92
N ASP A 384 -5.84 4.94 12.03
CA ASP A 384 -6.85 3.91 11.74
C ASP A 384 -7.06 3.04 12.96
N ASP A 385 -8.31 2.57 13.15
CA ASP A 385 -8.67 1.61 14.16
C ASP A 385 -9.50 0.40 13.66
N ALA A 386 -9.90 -0.47 14.58
CA ALA A 386 -10.77 -1.60 14.29
C ALA A 386 -12.11 -1.22 13.63
N GLU A 387 -12.55 0.00 13.86
CA GLU A 387 -13.74 0.50 13.17
C GLU A 387 -13.50 0.90 11.70
N SER A 388 -12.40 1.62 11.42
CA SER A 388 -12.09 1.99 10.01
C SER A 388 -11.85 0.66 9.23
N PHE A 389 -11.35 -0.35 9.93
CA PHE A 389 -11.05 -1.65 9.29
C PHE A 389 -12.27 -2.40 8.86
N LYS A 390 -13.39 -2.13 9.49
CA LYS A 390 -14.64 -2.75 9.01
C LYS A 390 -15.03 -2.37 7.59
N TYR A 391 -15.02 -1.08 7.31
CA TYR A 391 -15.25 -0.53 6.00
C TYR A 391 -14.20 -0.95 4.96
N LYS A 392 -12.90 -0.91 5.34
CA LYS A 392 -11.82 -1.30 4.41
C LYS A 392 -11.90 -2.82 4.12
N ALA A 393 -12.26 -3.60 5.13
CA ALA A 393 -12.40 -5.01 4.88
C ALA A 393 -13.61 -5.29 3.96
N LYS A 394 -14.71 -4.55 4.12
CA LYS A 394 -15.85 -4.79 3.28
C LYS A 394 -15.45 -4.36 1.87
N TYR A 395 -14.83 -3.21 1.77
CA TYR A 395 -14.28 -2.84 0.43
C TYR A 395 -13.39 -3.93 -0.20
N ILE A 396 -12.49 -4.56 0.58
CA ILE A 396 -11.64 -5.61 0.06
C ILE A 396 -12.48 -6.77 -0.51
N LYS A 397 -13.47 -7.22 0.25
CA LYS A 397 -14.32 -8.32 -0.22
C LYS A 397 -15.12 -7.90 -1.44
N GLN A 398 -15.74 -6.73 -1.37
CA GLN A 398 -16.57 -6.25 -2.48
C GLN A 398 -15.77 -6.00 -3.72
N GLN A 399 -14.55 -5.50 -3.62
CA GLN A 399 -13.78 -5.25 -4.83
C GLN A 399 -12.98 -6.45 -5.26
N GLN A 400 -13.10 -7.59 -4.60
CA GLN A 400 -12.36 -8.83 -4.92
C GLN A 400 -10.81 -8.69 -4.96
N LEU A 401 -10.35 -7.90 -4.03
CA LEU A 401 -8.98 -7.71 -3.77
C LEU A 401 -8.33 -8.87 -3.07
N GLY A 402 -7.00 -8.93 -3.12
CA GLY A 402 -6.31 -10.07 -2.58
C GLY A 402 -6.12 -10.10 -1.08
N GLY A 403 -6.15 -8.96 -0.38
CA GLY A 403 -5.97 -9.01 1.07
C GLY A 403 -5.64 -7.64 1.57
N VAL A 404 -5.02 -7.60 2.77
CA VAL A 404 -4.64 -6.34 3.46
C VAL A 404 -3.14 -6.53 3.80
N MET A 405 -2.39 -5.42 3.79
CA MET A 405 -1.02 -5.43 4.23
C MET A 405 -0.95 -4.28 5.28
N PHE A 406 -0.03 -4.37 6.22
CA PHE A 406 0.09 -3.27 7.23
C PHE A 406 1.48 -3.13 7.77
N TRP A 407 1.72 -1.87 8.13
CA TRP A 407 2.91 -1.45 8.77
C TRP A 407 2.59 -0.80 10.11
N HIS A 408 3.16 -1.29 11.22
CA HIS A 408 3.91 -2.57 11.33
C HIS A 408 3.47 -3.29 12.63
N LEU A 409 3.86 -4.58 12.77
CA LEU A 409 3.30 -5.49 13.80
C LEU A 409 3.44 -4.93 15.24
N GLY A 410 4.56 -4.29 15.54
CA GLY A 410 4.83 -3.77 16.86
C GLY A 410 4.02 -2.56 17.19
N GLN A 411 3.26 -2.05 16.23
CA GLN A 411 2.40 -0.94 16.50
C GLN A 411 0.98 -1.38 16.88
N ASP A 412 0.62 -2.65 16.67
CA ASP A 412 -0.63 -3.18 17.17
C ASP A 412 -0.59 -2.98 18.72
N ASN A 413 -1.73 -2.96 19.40
CA ASN A 413 -1.66 -3.07 20.86
C ASN A 413 -1.21 -4.46 21.28
N ARG A 414 -1.00 -4.62 22.57
CA ARG A 414 -0.44 -5.84 23.15
C ARG A 414 -1.28 -7.08 22.87
N ASN A 415 -2.61 -6.96 23.02
CA ASN A 415 -3.51 -8.00 22.70
C ASN A 415 -3.71 -8.28 21.22
N GLY A 416 -3.19 -7.40 20.37
CA GLY A 416 -3.15 -7.67 18.97
C GLY A 416 -4.50 -7.41 18.42
N ASP A 417 -5.17 -6.38 18.90
CA ASP A 417 -6.58 -6.27 18.49
C ASP A 417 -6.78 -5.84 17.04
N LEU A 418 -5.84 -5.10 16.44
CA LEU A 418 -6.11 -4.62 15.05
C LEU A 418 -6.12 -5.81 14.06
N LEU A 419 -5.19 -6.69 14.30
CA LEU A 419 -4.92 -7.89 13.53
C LEU A 419 -6.03 -8.88 13.73
N ALA A 420 -6.41 -9.07 14.98
CA ALA A 420 -7.60 -9.88 15.27
C ALA A 420 -8.82 -9.33 14.59
N ALA A 421 -9.00 -8.00 14.59
CA ALA A 421 -10.13 -7.45 13.87
C ALA A 421 -10.08 -7.81 12.39
N LEU A 422 -8.91 -7.79 11.72
CA LEU A 422 -8.90 -7.98 10.28
C LEU A 422 -9.19 -9.48 9.94
N ASP A 423 -8.53 -10.36 10.67
CA ASP A 423 -8.81 -11.78 10.63
C ASP A 423 -10.27 -12.07 10.80
N ARG A 424 -10.87 -11.37 11.72
CA ARG A 424 -12.30 -11.64 11.99
C ARG A 424 -13.16 -11.17 10.83
N TYR A 425 -12.85 -10.01 10.23
CA TYR A 425 -13.78 -9.45 9.25
C TYR A 425 -13.79 -10.28 7.95
N PHE A 426 -12.78 -11.09 7.77
CA PHE A 426 -12.61 -11.86 6.58
C PHE A 426 -12.98 -13.33 6.85
N ASN A 427 -12.75 -13.81 8.06
CA ASN A 427 -12.77 -15.27 8.32
C ASN A 427 -13.77 -15.73 9.39
N ALA A 428 -14.29 -14.85 10.25
CA ALA A 428 -15.17 -15.36 11.34
C ALA A 428 -16.58 -15.66 10.77
N ALA A 429 -17.09 -16.87 11.04
CA ALA A 429 -18.42 -17.27 10.55
C ALA A 429 -19.54 -16.39 11.09
N ASP A 430 -19.37 -15.92 12.31
CA ASP A 430 -20.44 -15.18 12.97
C ASP A 430 -20.40 -13.66 12.73
N TYR A 431 -19.54 -13.19 11.80
CA TYR A 431 -19.40 -11.74 11.57
C TYR A 431 -20.18 -11.40 10.34
N ASP A 432 -21.06 -10.42 10.44
CA ASP A 432 -21.90 -10.03 9.31
C ASP A 432 -21.73 -8.51 9.01
N ASP A 433 -21.24 -8.16 7.82
CA ASP A 433 -21.20 -6.75 7.44
C ASP A 433 -22.17 -6.39 6.29
N SER A 434 -23.12 -7.28 5.98
CA SER A 434 -24.07 -7.07 4.88
C SER A 434 -24.87 -5.79 5.09
N GLN A 435 -25.02 -5.32 6.32
CA GLN A 435 -25.70 -4.06 6.59
C GLN A 435 -24.77 -2.91 6.91
N LEU A 436 -23.48 -3.17 6.91
CA LEU A 436 -22.53 -2.10 7.16
C LEU A 436 -22.71 -1.05 6.08
N ASP A 437 -23.03 0.17 6.48
CA ASP A 437 -23.26 1.29 5.55
C ASP A 437 -21.92 1.93 5.17
N MET A 438 -21.63 1.94 3.87
CA MET A 438 -20.37 2.43 3.31
C MET A 438 -20.34 3.94 3.09
N GLY A 439 -21.51 4.59 3.26
CA GLY A 439 -21.63 6.05 3.39
C GLY A 439 -21.74 6.71 2.05
N THR A 440 -21.72 8.05 2.08
CA THR A 440 -21.78 8.84 0.84
C THR A 440 -20.55 9.67 0.54
N GLY A 441 -19.40 9.30 1.06
CA GLY A 441 -18.20 9.92 0.63
C GLY A 441 -17.94 9.72 -0.85
N LEU A 442 -17.11 10.60 -1.38
CA LEU A 442 -16.77 10.63 -2.79
C LEU A 442 -16.07 9.38 -3.26
N ARG A 443 -16.65 8.71 -4.25
CA ARG A 443 -16.00 7.58 -4.87
C ARG A 443 -15.19 8.13 -6.03
N TYR A 444 -14.13 7.42 -6.35
CA TYR A 444 -13.34 7.73 -7.54
C TYR A 444 -14.05 7.02 -8.69
N THR A 445 -14.44 7.80 -9.69
CA THR A 445 -15.27 7.26 -10.79
C THR A 445 -14.59 7.01 -12.12
N GLY A 446 -13.26 7.04 -12.14
CA GLY A 446 -12.55 6.85 -13.33
C GLY A 446 -12.84 5.51 -13.97
N VAL A 447 -12.87 5.47 -15.30
CA VAL A 447 -13.01 4.24 -16.05
C VAL A 447 -11.89 4.20 -17.08
N GLY A 448 -11.22 3.07 -17.17
CA GLY A 448 -10.17 2.84 -18.12
C GLY A 448 -10.40 1.49 -18.78
N PRO A 449 -9.45 1.05 -19.60
CA PRO A 449 -9.68 -0.19 -20.40
C PRO A 449 -9.84 -1.44 -19.54
N GLY A 450 -9.33 -1.41 -18.31
CA GLY A 450 -9.31 -2.55 -17.43
C GLY A 450 -10.58 -2.72 -16.59
N ASN A 451 -11.53 -1.79 -16.62
CA ASN A 451 -12.68 -1.92 -15.72
C ASN A 451 -13.91 -1.39 -16.38
N LEU A 452 -14.10 -1.76 -17.63
CA LEU A 452 -15.28 -1.30 -18.34
C LEU A 452 -16.53 -1.96 -17.76
N PRO A 453 -17.58 -1.18 -17.56
CA PRO A 453 -18.76 -1.90 -17.02
C PRO A 453 -19.40 -2.81 -18.07
N ILE A 454 -20.17 -3.78 -17.57
CA ILE A 454 -21.07 -4.57 -18.41
C ILE A 454 -22.23 -3.66 -18.81
N MET A 455 -22.60 -3.69 -20.09
CA MET A 455 -23.66 -2.82 -20.64
C MET A 455 -24.35 -3.56 -21.78
N THR A 456 -25.52 -3.07 -22.16
CA THR A 456 -26.17 -3.51 -23.40
C THR A 456 -26.64 -2.28 -24.16
N ALA A 457 -26.91 -2.48 -25.44
CA ALA A 457 -27.37 -1.39 -26.28
C ALA A 457 -27.74 -2.05 -27.61
N PRO A 458 -28.59 -1.36 -28.39
CA PRO A 458 -28.98 -1.93 -29.69
C PRO A 458 -27.80 -2.04 -30.62
N ALA A 459 -27.85 -3.03 -31.51
CA ALA A 459 -26.79 -3.27 -32.47
C ALA A 459 -26.59 -2.09 -33.43
N TYR A 460 -25.31 -1.81 -33.65
CA TYR A 460 -24.89 -0.83 -34.61
C TYR A 460 -25.48 -1.19 -35.93
N VAL A 461 -25.98 -0.18 -36.66
CA VAL A 461 -26.59 -0.39 -37.98
C VAL A 461 -25.85 0.50 -38.95
N PRO A 462 -25.35 -0.08 -40.04
CA PRO A 462 -24.72 0.75 -41.08
C PRO A 462 -25.78 1.68 -41.70
N GLY A 463 -25.37 2.86 -42.16
CA GLY A 463 -26.27 3.79 -42.79
C GLY A 463 -26.94 4.69 -41.79
N THR A 464 -26.93 4.34 -40.50
CA THR A 464 -27.65 5.16 -39.57
C THR A 464 -26.74 6.33 -39.18
N THR A 465 -27.33 7.51 -39.08
CA THR A 465 -26.61 8.71 -38.66
C THR A 465 -26.72 8.86 -37.17
N TYR A 466 -25.69 8.54 -36.40
CA TYR A 466 -25.87 8.65 -34.96
C TYR A 466 -25.54 10.05 -34.39
N ALA A 467 -26.42 10.58 -33.54
CA ALA A 467 -26.12 11.82 -32.81
C ALA A 467 -25.12 11.60 -31.68
N GLN A 468 -24.68 12.73 -31.12
CA GLN A 468 -23.84 12.80 -29.93
C GLN A 468 -24.43 12.03 -28.78
N GLY A 469 -23.61 11.22 -28.14
CA GLY A 469 -24.10 10.42 -27.02
C GLY A 469 -24.80 9.11 -27.38
N ALA A 470 -25.02 8.82 -28.67
CA ALA A 470 -25.73 7.58 -29.02
C ALA A 470 -24.92 6.39 -28.58
N LEU A 471 -25.62 5.40 -28.04
CA LEU A 471 -25.01 4.14 -27.64
C LEU A 471 -25.38 2.98 -28.57
N VAL A 472 -24.38 2.26 -29.07
CA VAL A 472 -24.62 1.04 -29.85
C VAL A 472 -23.76 -0.12 -29.38
N SER A 473 -24.11 -1.33 -29.80
CA SER A 473 -23.32 -2.46 -29.41
C SER A 473 -22.76 -3.05 -30.69
N TYR A 474 -21.51 -3.49 -30.63
CA TYR A 474 -20.79 -3.90 -31.81
C TYR A 474 -19.49 -4.64 -31.42
N GLN A 475 -19.33 -5.85 -31.99
CA GLN A 475 -18.15 -6.69 -31.86
C GLN A 475 -17.67 -6.82 -30.43
N GLY A 476 -18.61 -7.12 -29.53
CA GLY A 476 -18.30 -7.40 -28.15
C GLY A 476 -18.40 -6.26 -27.17
N TYR A 477 -18.47 -5.02 -27.64
CA TYR A 477 -18.56 -3.86 -26.71
C TYR A 477 -19.74 -2.95 -27.00
N VAL A 478 -19.94 -2.02 -26.05
CA VAL A 478 -20.84 -0.94 -26.22
C VAL A 478 -20.02 0.31 -26.36
N TRP A 479 -20.37 1.05 -27.40
CA TRP A 479 -19.67 2.21 -27.90
C TRP A 479 -20.60 3.45 -27.88
N GLN A 480 -20.01 4.61 -27.69
CA GLN A 480 -20.74 5.86 -27.63
C GLN A 480 -20.10 6.84 -28.61
N THR A 481 -20.92 7.61 -29.33
CA THR A 481 -20.36 8.67 -30.22
C THR A 481 -19.94 9.92 -29.39
N LYS A 482 -18.80 10.47 -29.74
CA LYS A 482 -18.17 11.59 -29.08
C LYS A 482 -18.74 12.90 -29.63
N TRP A 483 -19.22 12.85 -30.88
CA TRP A 483 -19.96 13.97 -31.48
C TRP A 483 -20.96 13.40 -32.47
N GLY A 484 -21.85 14.24 -33.01
CA GLY A 484 -22.80 13.80 -34.05
C GLY A 484 -22.30 14.38 -35.37
N TYR A 485 -22.56 13.80 -36.55
CA TYR A 485 -23.42 12.64 -36.80
C TYR A 485 -22.53 11.62 -37.38
N ILE A 486 -22.41 10.49 -36.72
CA ILE A 486 -21.41 9.51 -37.12
C ILE A 486 -22.11 8.42 -37.89
N THR A 487 -21.53 7.98 -39.00
CA THR A 487 -21.93 6.74 -39.66
C THR A 487 -20.85 5.66 -39.72
N SER A 488 -19.67 5.89 -39.13
CA SER A 488 -18.52 4.90 -39.15
C SER A 488 -18.81 3.69 -38.28
N ALA A 489 -18.34 2.52 -38.70
CA ALA A 489 -18.32 1.36 -37.81
C ALA A 489 -17.49 1.65 -36.53
N PRO A 490 -18.03 1.33 -35.35
CA PRO A 490 -17.29 1.53 -34.12
C PRO A 490 -15.94 0.78 -34.12
N GLY A 491 -14.88 1.45 -33.69
CA GLY A 491 -13.52 0.88 -33.64
C GLY A 491 -12.68 1.17 -34.85
N SER A 492 -13.31 1.65 -35.93
CA SER A 492 -12.63 1.91 -37.17
C SER A 492 -12.12 3.34 -37.28
N ASP A 493 -12.43 4.25 -36.36
CA ASP A 493 -11.84 5.63 -36.46
C ASP A 493 -12.08 6.27 -35.12
N SER A 494 -11.85 7.57 -34.97
CA SER A 494 -11.90 8.10 -33.63
C SER A 494 -13.25 8.65 -33.15
N ALA A 495 -14.34 8.47 -33.90
CA ALA A 495 -15.63 9.06 -33.48
C ALA A 495 -16.25 8.38 -32.28
N TRP A 496 -15.94 7.08 -32.13
CA TRP A 496 -16.56 6.18 -31.14
C TRP A 496 -15.65 5.93 -29.98
N LEU A 497 -16.24 6.02 -28.80
CA LEU A 497 -15.53 5.76 -27.58
C LEU A 497 -16.03 4.42 -27.09
N LYS A 498 -15.12 3.51 -26.81
CA LYS A 498 -15.54 2.31 -26.15
C LYS A 498 -15.89 2.56 -24.67
N VAL A 499 -17.18 2.44 -24.28
CA VAL A 499 -17.69 2.66 -22.89
C VAL A 499 -18.14 1.42 -22.08
N GLY A 500 -18.23 0.25 -22.70
CA GLY A 500 -18.70 -0.89 -21.94
C GLY A 500 -18.49 -2.17 -22.70
N ARG A 501 -18.70 -3.27 -22.00
CA ARG A 501 -18.50 -4.62 -22.59
C ARG A 501 -19.77 -5.44 -22.48
N LEU A 502 -19.94 -6.30 -23.48
CA LEU A 502 -20.99 -7.30 -23.48
C LEU A 502 -20.60 -8.52 -22.63
#